data_1PY5
#
_entry.id   1PY5
#
_cell.length_a   41.829
_cell.length_b   78.111
_cell.length_c   90.686
_cell.angle_alpha   90.0
_cell.angle_beta   90.0
_cell.angle_gamma   90.0
#
_symmetry.space_group_name_H-M   'P 21 21 21'
#
loop_
_entity.id
_entity.type
_entity.pdbx_description
1 polymer 'TGF-beta receptor type I'
2 non-polymer 'SULFATE ION'
3 non-polymer 4-(3-PYRIDIN-2-YL-1H-PYRAZOL-4-YL)QUINOLINE
4 water water
#
_entity_poly.entity_id   1
_entity_poly.type   'polypeptide(L)'
_entity_poly.pdbx_seq_one_letter_code
;TTLKDLIYDMTTSGSGSGLPLLVQRTIARTIVLQESIGKGRFGEVWRGKWRGEEVAVKIFSSREERSWFREAEIYQTVML
RHENILGFIAADNKDNGTWTQLWLVSDYHEHGSLFDYLNRYTVTVEGMIKLALSTASGLAHLHMEIVGTQGKPAIAHRDL
KSKNILVKKNGTCCIADLGLAVRHDSATDTIDIAPNHRVGTKRYMAPEVLDDSINMKHFESFKRADIYAMGLVFWEIARR
CSIGGIHEDYQLPYYDLVPSDPSVEEMRKVVCEQKLRPNIPNRWQSCEALRVMAKIMRECWYANGAARLTALRIKKTLSQ
LSQQEG
;
_entity_poly.pdbx_strand_id   A
#
# COMPACT_ATOMS: atom_id res chain seq x y z
N THR A 26 -23.66 -18.18 -4.20
CA THR A 26 -24.69 -17.63 -3.28
C THR A 26 -24.32 -16.18 -2.99
N ILE A 27 -23.03 -15.87 -3.01
CA ILE A 27 -22.57 -14.51 -2.73
C ILE A 27 -22.67 -13.47 -3.86
N ALA A 28 -21.86 -13.63 -4.90
CA ALA A 28 -21.88 -12.69 -6.03
C ALA A 28 -23.30 -12.59 -6.56
N ARG A 29 -23.97 -13.71 -6.50
CA ARG A 29 -25.35 -13.86 -6.94
C ARG A 29 -26.33 -12.94 -6.20
N THR A 30 -26.08 -12.73 -4.90
CA THR A 30 -26.96 -11.89 -4.10
C THR A 30 -26.43 -10.44 -3.99
N ILE A 31 -25.43 -10.09 -4.80
CA ILE A 31 -24.90 -8.74 -4.76
C ILE A 31 -25.39 -7.90 -5.94
N VAL A 32 -25.78 -6.66 -5.65
CA VAL A 32 -26.27 -5.76 -6.67
C VAL A 32 -25.34 -4.57 -6.84
N LEU A 33 -24.77 -4.42 -8.03
CA LEU A 33 -23.88 -3.31 -8.30
C LEU A 33 -24.65 -2.00 -8.36
N GLN A 34 -24.03 -0.94 -7.84
CA GLN A 34 -24.68 0.36 -7.79
C GLN A 34 -23.91 1.53 -8.39
N GLU A 35 -22.59 1.51 -8.30
CA GLU A 35 -21.81 2.61 -8.87
C GLU A 35 -20.32 2.31 -9.00
N SER A 36 -19.72 2.89 -10.03
CA SER A 36 -18.29 2.75 -10.32
C SER A 36 -17.47 3.62 -9.35
N ILE A 37 -16.67 2.99 -8.47
CA ILE A 37 -15.88 3.73 -7.48
C ILE A 37 -14.45 4.11 -7.91
N GLY A 38 -13.94 3.45 -8.94
CA GLY A 38 -12.59 3.80 -9.34
C GLY A 38 -12.01 2.80 -10.32
N LYS A 39 -11.08 3.26 -11.15
CA LYS A 39 -10.46 2.39 -12.14
C LYS A 39 -9.11 1.87 -11.73
N GLY A 40 -8.97 0.56 -11.75
CA GLY A 40 -7.70 -0.02 -11.39
C GLY A 40 -6.98 -0.33 -12.69
N ARG A 41 -5.76 0.15 -12.83
CA ARG A 41 -4.98 -0.11 -14.04
C ARG A 41 -5.39 -1.53 -14.48
N PHE A 42 -5.83 -2.31 -13.50
CA PHE A 42 -6.28 -3.67 -13.71
C PHE A 42 -7.76 -3.73 -13.27
N GLY A 43 -8.64 -4.20 -14.14
CA GLY A 43 -10.04 -4.24 -13.76
C GLY A 43 -10.60 -2.87 -13.39
N GLU A 44 -11.35 -2.83 -12.30
CA GLU A 44 -11.95 -1.58 -11.82
C GLU A 44 -12.81 -1.97 -10.63
N VAL A 45 -13.44 -0.99 -9.98
CA VAL A 45 -14.20 -1.31 -8.80
C VAL A 45 -15.62 -0.76 -8.80
N TRP A 46 -16.55 -1.48 -8.17
CA TRP A 46 -17.93 -1.04 -8.08
C TRP A 46 -18.38 -1.09 -6.63
N ARG A 47 -19.28 -0.18 -6.27
CA ARG A 47 -19.84 -0.14 -4.93
C ARG A 47 -21.11 -0.98 -5.07
N GLY A 48 -21.16 -2.10 -4.37
CA GLY A 48 -22.35 -2.95 -4.43
C GLY A 48 -23.14 -3.01 -3.15
N LYS A 49 -24.27 -3.73 -3.18
CA LYS A 49 -25.16 -3.87 -2.03
C LYS A 49 -25.40 -5.35 -1.70
N TRP A 50 -25.00 -5.78 -0.50
CA TRP A 50 -25.18 -7.17 -0.07
C TRP A 50 -25.92 -7.19 1.27
N ARG A 51 -27.10 -7.82 1.28
CA ARG A 51 -27.92 -7.93 2.48
C ARG A 51 -28.00 -6.62 3.25
N GLY A 52 -28.32 -5.54 2.52
CA GLY A 52 -28.46 -4.23 3.13
C GLY A 52 -27.20 -3.43 3.39
N GLU A 53 -26.04 -3.99 3.06
CA GLU A 53 -24.77 -3.30 3.31
C GLU A 53 -24.01 -2.94 2.06
N GLU A 54 -23.20 -1.89 2.13
CA GLU A 54 -22.38 -1.48 1.00
C GLU A 54 -21.18 -2.43 1.00
N VAL A 55 -20.66 -2.71 -0.17
CA VAL A 55 -19.52 -3.59 -0.33
C VAL A 55 -18.78 -3.18 -1.60
N ALA A 56 -17.46 -3.39 -1.62
CA ALA A 56 -16.70 -3.08 -2.80
C ALA A 56 -16.54 -4.39 -3.58
N VAL A 57 -16.59 -4.30 -4.89
CA VAL A 57 -16.45 -5.46 -5.76
C VAL A 57 -15.52 -5.09 -6.90
N LYS A 58 -14.52 -5.94 -7.10
CA LYS A 58 -13.52 -5.79 -8.15
C LYS A 58 -13.76 -6.93 -9.13
N ILE A 59 -14.12 -6.58 -10.35
CA ILE A 59 -14.42 -7.54 -11.42
C ILE A 59 -13.25 -7.61 -12.41
N PHE A 60 -12.81 -8.82 -12.75
CA PHE A 60 -11.67 -8.97 -13.64
C PHE A 60 -11.87 -9.14 -15.16
N SER A 61 -11.22 -8.21 -15.87
CA SER A 61 -11.28 -8.08 -17.33
C SER A 61 -10.83 -9.28 -18.14
N SER A 62 -11.05 -10.45 -17.56
CA SER A 62 -10.73 -11.67 -18.25
C SER A 62 -9.22 -11.86 -18.39
N ARG A 63 -8.64 -11.15 -19.35
CA ARG A 63 -7.20 -11.25 -19.59
C ARG A 63 -6.55 -10.88 -18.28
N GLU A 64 -7.29 -10.15 -17.44
CA GLU A 64 -6.74 -9.75 -16.15
C GLU A 64 -6.87 -10.90 -15.15
N GLU A 65 -7.35 -12.06 -15.59
CA GLU A 65 -7.43 -13.16 -14.63
C GLU A 65 -6.03 -13.44 -14.04
N ARG A 66 -4.96 -13.23 -14.83
CA ARG A 66 -3.60 -13.46 -14.35
C ARG A 66 -3.40 -12.88 -12.95
N SER A 67 -4.48 -12.32 -12.39
CA SER A 67 -4.39 -11.75 -11.06
C SER A 67 -5.59 -12.05 -10.19
N TRP A 68 -6.71 -12.48 -10.77
CA TRP A 68 -7.90 -12.78 -9.97
C TRP A 68 -7.60 -13.86 -8.94
N PHE A 69 -7.16 -15.02 -9.42
CA PHE A 69 -6.85 -16.13 -8.54
C PHE A 69 -5.78 -15.74 -7.54
N ARG A 70 -4.74 -15.08 -8.04
CA ARG A 70 -3.62 -14.67 -7.20
C ARG A 70 -4.07 -13.75 -6.09
N GLU A 71 -4.78 -12.69 -6.44
CA GLU A 71 -5.27 -11.76 -5.44
C GLU A 71 -6.21 -12.51 -4.46
N ALA A 72 -7.04 -13.40 -4.98
CA ALA A 72 -7.95 -14.16 -4.11
C ALA A 72 -7.09 -14.97 -3.13
N GLU A 73 -6.10 -15.66 -3.68
CA GLU A 73 -5.16 -16.48 -2.92
C GLU A 73 -4.49 -15.72 -1.77
N ILE A 74 -3.87 -14.58 -2.06
CA ILE A 74 -3.19 -13.79 -1.03
C ILE A 74 -4.19 -13.42 0.07
N TYR A 75 -5.35 -12.90 -0.33
CA TYR A 75 -6.36 -12.51 0.63
C TYR A 75 -6.90 -13.70 1.45
N GLN A 76 -6.70 -14.92 0.96
CA GLN A 76 -7.20 -16.13 1.62
C GLN A 76 -6.21 -17.07 2.31
N THR A 77 -5.33 -17.66 1.51
CA THR A 77 -4.37 -18.64 1.99
C THR A 77 -3.63 -18.25 3.25
N VAL A 78 -3.79 -16.99 3.61
CA VAL A 78 -3.10 -16.45 4.76
C VAL A 78 -4.09 -15.99 5.84
N MET A 79 -3.63 -15.95 7.09
CA MET A 79 -4.47 -15.48 8.22
C MET A 79 -4.24 -13.97 8.33
N LEU A 80 -4.61 -13.27 7.26
CA LEU A 80 -4.45 -11.83 7.11
C LEU A 80 -5.62 -10.99 7.59
N ARG A 81 -6.07 -11.17 8.82
CA ARG A 81 -7.18 -10.35 9.29
C ARG A 81 -6.56 -9.31 10.17
N HIS A 82 -6.63 -8.05 9.75
CA HIS A 82 -6.06 -6.97 10.52
C HIS A 82 -6.88 -5.74 10.18
N GLU A 83 -7.17 -4.95 11.20
CA GLU A 83 -7.94 -3.71 11.01
C GLU A 83 -7.32 -2.81 9.95
N ASN A 84 -6.03 -2.96 9.71
CA ASN A 84 -5.34 -2.10 8.75
C ASN A 84 -5.00 -2.77 7.44
N ILE A 85 -5.79 -3.77 7.09
CA ILE A 85 -5.63 -4.48 5.83
C ILE A 85 -7.05 -4.64 5.34
N LEU A 86 -7.31 -4.26 4.09
CA LEU A 86 -8.65 -4.38 3.55
C LEU A 86 -9.30 -5.72 3.90
N GLY A 87 -10.46 -5.66 4.55
CA GLY A 87 -11.19 -6.84 4.96
C GLY A 87 -11.73 -7.59 3.77
N PHE A 88 -11.33 -8.85 3.63
CA PHE A 88 -11.75 -9.67 2.49
C PHE A 88 -13.04 -10.39 2.74
N ILE A 89 -13.98 -10.24 1.82
CA ILE A 89 -15.25 -10.91 1.98
C ILE A 89 -15.23 -12.24 1.22
N ALA A 90 -15.12 -12.18 -0.10
CA ALA A 90 -15.13 -13.42 -0.88
C ALA A 90 -14.60 -13.34 -2.32
N ALA A 91 -14.56 -14.51 -2.94
CA ALA A 91 -14.15 -14.66 -4.34
C ALA A 91 -15.20 -15.59 -4.96
N ASP A 92 -15.83 -15.15 -6.06
CA ASP A 92 -16.86 -15.98 -6.68
C ASP A 92 -16.68 -16.14 -8.19
N ASN A 93 -16.46 -17.36 -8.65
CA ASN A 93 -16.27 -17.62 -10.08
C ASN A 93 -17.64 -17.52 -10.73
N LYS A 94 -17.96 -16.35 -11.28
CA LYS A 94 -19.26 -16.13 -11.96
C LYS A 94 -19.02 -16.00 -13.47
N ASP A 95 -18.21 -16.91 -14.02
CA ASP A 95 -17.88 -16.90 -15.44
C ASP A 95 -19.07 -17.02 -16.37
N ASN A 96 -20.02 -16.11 -16.21
CA ASN A 96 -21.28 -16.04 -16.97
C ASN A 96 -21.51 -17.07 -18.07
N GLY A 97 -22.61 -17.81 -17.93
CA GLY A 97 -22.92 -18.81 -18.95
C GLY A 97 -22.93 -18.10 -20.30
N THR A 98 -22.82 -16.77 -20.22
CA THR A 98 -22.83 -15.85 -21.35
C THR A 98 -21.43 -15.22 -21.46
N TRP A 99 -20.82 -14.87 -20.32
CA TRP A 99 -19.45 -14.38 -20.38
C TRP A 99 -18.54 -14.47 -19.12
N THR A 100 -17.41 -13.76 -19.16
CA THR A 100 -16.39 -13.75 -18.09
C THR A 100 -16.60 -12.82 -16.89
N GLN A 101 -17.07 -13.35 -15.76
CA GLN A 101 -17.23 -12.48 -14.60
C GLN A 101 -16.63 -13.08 -13.33
N LEU A 102 -15.38 -12.72 -13.05
CA LEU A 102 -14.68 -13.22 -11.86
C LEU A 102 -14.64 -12.12 -10.80
N TRP A 103 -15.32 -12.34 -9.68
CA TRP A 103 -15.44 -11.36 -8.61
C TRP A 103 -14.52 -11.42 -7.39
N LEU A 104 -14.26 -10.25 -6.84
CA LEU A 104 -13.45 -10.12 -5.65
C LEU A 104 -14.31 -9.18 -4.82
N VAL A 105 -14.77 -9.67 -3.68
CA VAL A 105 -15.66 -8.89 -2.82
C VAL A 105 -14.98 -8.53 -1.51
N SER A 106 -14.99 -7.25 -1.18
CA SER A 106 -14.37 -6.75 0.06
C SER A 106 -15.25 -5.72 0.76
N ASP A 107 -14.71 -5.17 1.86
CA ASP A 107 -15.41 -4.14 2.59
C ASP A 107 -15.40 -2.92 1.69
N TYR A 108 -16.24 -1.93 2.01
CA TYR A 108 -16.33 -0.69 1.25
C TYR A 108 -15.95 0.51 2.10
N HIS A 109 -15.01 1.30 1.60
CA HIS A 109 -14.56 2.50 2.29
C HIS A 109 -14.83 3.74 1.45
N GLU A 110 -15.93 4.43 1.78
CA GLU A 110 -16.32 5.62 1.03
C GLU A 110 -15.21 6.56 0.60
N HIS A 111 -14.39 7.01 1.54
CA HIS A 111 -13.30 7.92 1.19
C HIS A 111 -12.45 7.47 0.03
N GLY A 112 -12.38 6.17 -0.21
CA GLY A 112 -11.56 5.69 -1.31
C GLY A 112 -10.08 5.61 -0.96
N SER A 113 -9.23 5.74 -1.98
CA SER A 113 -7.79 5.66 -1.79
C SER A 113 -7.24 6.85 -1.02
N LEU A 114 -6.06 6.65 -0.43
CA LEU A 114 -5.38 7.70 0.33
C LEU A 114 -5.00 8.81 -0.65
N PHE A 115 -4.70 8.40 -1.88
CA PHE A 115 -4.35 9.34 -2.94
C PHE A 115 -5.51 10.31 -3.13
N ASP A 116 -6.71 9.77 -3.34
CA ASP A 116 -7.91 10.59 -3.51
C ASP A 116 -8.06 11.49 -2.29
N TYR A 117 -7.96 10.90 -1.12
CA TYR A 117 -8.07 11.60 0.15
C TYR A 117 -7.15 12.83 0.21
N LEU A 118 -5.84 12.57 0.20
CA LEU A 118 -4.85 13.65 0.24
C LEU A 118 -5.06 14.69 -0.87
N ASN A 119 -5.54 14.28 -2.03
CA ASN A 119 -5.75 15.26 -3.10
C ASN A 119 -6.89 16.20 -2.76
N ARG A 120 -7.92 15.71 -2.07
CA ARG A 120 -9.08 16.52 -1.75
C ARG A 120 -9.02 17.29 -0.45
N TYR A 121 -8.35 16.71 0.53
CA TYR A 121 -8.25 17.33 1.84
C TYR A 121 -6.82 17.51 2.33
N THR A 122 -6.69 18.35 3.33
CA THR A 122 -5.42 18.60 3.98
C THR A 122 -5.70 17.94 5.32
N VAL A 123 -4.66 17.69 6.12
CA VAL A 123 -4.88 17.02 7.41
C VAL A 123 -4.32 17.68 8.66
N THR A 124 -4.88 17.32 9.81
CA THR A 124 -4.43 17.86 11.09
C THR A 124 -3.18 17.06 11.46
N VAL A 125 -2.47 17.50 12.49
CA VAL A 125 -1.28 16.80 12.93
C VAL A 125 -1.73 15.41 13.39
N GLU A 126 -2.89 15.39 14.03
CA GLU A 126 -3.47 14.17 14.53
C GLU A 126 -3.79 13.23 13.39
N GLY A 127 -4.43 13.77 12.37
CA GLY A 127 -4.79 12.96 11.22
C GLY A 127 -3.58 12.31 10.56
N MET A 128 -2.52 13.11 10.43
CA MET A 128 -1.27 12.66 9.82
C MET A 128 -0.68 11.46 10.55
N ILE A 129 -0.69 11.52 11.87
CA ILE A 129 -0.16 10.42 12.68
C ILE A 129 -1.06 9.20 12.50
N LYS A 130 -2.36 9.43 12.60
CA LYS A 130 -3.35 8.38 12.47
C LYS A 130 -3.13 7.61 11.17
N LEU A 131 -2.98 8.38 10.08
CA LEU A 131 -2.78 7.83 8.75
C LEU A 131 -1.47 7.05 8.63
N ALA A 132 -0.38 7.68 9.04
CA ALA A 132 0.92 7.04 8.97
C ALA A 132 1.05 5.84 9.93
N LEU A 133 0.45 5.91 11.12
CA LEU A 133 0.53 4.78 12.06
C LEU A 133 -0.26 3.57 11.52
N SER A 134 -1.51 3.82 11.13
CA SER A 134 -2.38 2.77 10.58
C SER A 134 -1.67 2.04 9.45
N THR A 135 -1.10 2.80 8.51
CA THR A 135 -0.39 2.24 7.37
C THR A 135 0.78 1.34 7.80
N ALA A 136 1.54 1.82 8.77
CA ALA A 136 2.68 1.10 9.32
C ALA A 136 2.25 -0.18 10.02
N SER A 137 1.27 -0.07 10.90
CA SER A 137 0.80 -1.26 11.61
C SER A 137 0.30 -2.25 10.58
N GLY A 138 -0.31 -1.73 9.50
CA GLY A 138 -0.82 -2.60 8.44
C GLY A 138 0.28 -3.40 7.74
N LEU A 139 1.31 -2.70 7.27
CA LEU A 139 2.43 -3.37 6.60
C LEU A 139 3.22 -4.22 7.61
N ALA A 140 3.21 -3.79 8.87
CA ALA A 140 3.91 -4.54 9.89
C ALA A 140 3.25 -5.90 10.00
N HIS A 141 1.93 -5.90 9.95
CA HIS A 141 1.23 -7.17 10.05
C HIS A 141 1.46 -8.00 8.78
N LEU A 142 1.47 -7.34 7.63
CA LEU A 142 1.70 -8.03 6.38
C LEU A 142 3.05 -8.73 6.38
N HIS A 143 4.06 -8.04 6.92
CA HIS A 143 5.43 -8.55 6.98
C HIS A 143 5.68 -9.59 8.07
N MET A 144 4.92 -9.54 9.15
CA MET A 144 5.10 -10.48 10.25
C MET A 144 4.82 -11.95 9.92
N GLU A 145 5.75 -12.81 10.29
CA GLU A 145 5.64 -14.25 10.11
C GLU A 145 5.25 -14.80 11.47
N ILE A 146 4.35 -15.78 11.46
CA ILE A 146 3.92 -16.46 12.68
C ILE A 146 4.09 -17.93 12.33
N VAL A 147 5.20 -18.52 12.74
CA VAL A 147 5.47 -19.92 12.43
C VAL A 147 4.57 -20.84 13.27
N GLY A 148 4.35 -22.07 12.77
CA GLY A 148 3.56 -23.02 13.53
C GLY A 148 2.29 -23.63 12.92
N THR A 149 1.45 -24.22 13.78
CA THR A 149 0.19 -24.84 13.35
C THR A 149 -0.54 -23.80 12.51
N GLN A 150 -1.51 -23.14 13.13
CA GLN A 150 -2.24 -22.07 12.46
C GLN A 150 -1.32 -20.83 12.50
N GLY A 151 -0.31 -20.86 11.65
CA GLY A 151 0.63 -19.76 11.58
C GLY A 151 0.21 -18.76 10.52
N LYS A 152 1.18 -18.00 10.03
CA LYS A 152 0.98 -16.97 9.02
C LYS A 152 2.32 -16.71 8.33
N PRO A 153 2.36 -16.82 6.99
CA PRO A 153 3.61 -16.59 6.28
C PRO A 153 3.79 -15.09 6.17
N ALA A 154 5.03 -14.66 6.03
CA ALA A 154 5.33 -13.25 5.87
C ALA A 154 4.88 -12.87 4.48
N ILE A 155 4.57 -11.60 4.31
CA ILE A 155 4.10 -11.09 3.03
C ILE A 155 4.71 -9.72 2.69
N ALA A 156 5.23 -9.62 1.47
CA ALA A 156 5.76 -8.36 0.99
C ALA A 156 4.77 -7.93 -0.07
N HIS A 157 4.41 -6.66 -0.08
CA HIS A 157 3.44 -6.11 -1.01
C HIS A 157 3.94 -5.92 -2.46
N ARG A 158 5.11 -5.31 -2.62
CA ARG A 158 5.71 -5.05 -3.93
C ARG A 158 5.09 -3.89 -4.75
N ASP A 159 3.98 -3.34 -4.28
CA ASP A 159 3.34 -2.22 -4.98
C ASP A 159 2.66 -1.25 -4.00
N LEU A 160 3.36 -0.95 -2.91
CA LEU A 160 2.82 -0.03 -1.92
C LEU A 160 2.89 1.39 -2.51
N LYS A 161 1.78 2.12 -2.37
CA LYS A 161 1.69 3.47 -2.90
C LYS A 161 0.37 4.07 -2.42
N SER A 162 0.26 5.39 -2.54
CA SER A 162 -0.93 6.15 -2.15
C SER A 162 -2.24 5.58 -2.70
N LYS A 163 -2.22 5.15 -3.96
CA LYS A 163 -3.40 4.63 -4.61
C LYS A 163 -3.83 3.24 -4.14
N ASN A 164 -2.91 2.50 -3.52
CA ASN A 164 -3.25 1.17 -3.05
C ASN A 164 -3.50 1.09 -1.55
N ILE A 165 -3.75 2.25 -0.94
CA ILE A 165 -4.04 2.33 0.47
C ILE A 165 -5.36 3.06 0.57
N LEU A 166 -6.25 2.54 1.40
CA LEU A 166 -7.57 3.10 1.58
C LEU A 166 -7.75 3.73 2.93
N VAL A 167 -8.50 4.81 2.97
CA VAL A 167 -8.76 5.46 4.24
C VAL A 167 -10.20 5.19 4.64
N LYS A 168 -10.36 4.65 5.86
CA LYS A 168 -11.66 4.32 6.41
C LYS A 168 -12.36 5.54 6.99
N LYS A 169 -13.59 5.33 7.43
CA LYS A 169 -14.40 6.37 8.02
C LYS A 169 -13.69 7.03 9.21
N ASN A 170 -13.20 6.19 10.11
CA ASN A 170 -12.54 6.66 11.32
C ASN A 170 -11.16 7.30 11.17
N GLY A 171 -10.77 7.62 9.93
CA GLY A 171 -9.49 8.27 9.72
C GLY A 171 -8.23 7.42 9.79
N THR A 172 -8.38 6.10 9.70
CA THR A 172 -7.23 5.21 9.72
C THR A 172 -7.19 4.51 8.34
N CYS A 173 -6.05 3.93 8.00
CA CYS A 173 -5.87 3.26 6.72
C CYS A 173 -5.95 1.74 6.81
N CYS A 174 -5.93 1.10 5.64
CA CYS A 174 -5.88 -0.35 5.52
C CYS A 174 -5.27 -0.62 4.13
N ILE A 175 -4.24 -1.49 4.09
CA ILE A 175 -3.57 -1.78 2.82
C ILE A 175 -4.50 -2.54 1.85
N ALA A 176 -4.38 -2.27 0.55
CA ALA A 176 -5.22 -2.92 -0.45
C ALA A 176 -4.43 -3.30 -1.68
N ASP A 177 -5.09 -3.83 -2.69
CA ASP A 177 -4.40 -4.21 -3.91
C ASP A 177 -3.20 -5.10 -3.61
N LEU A 178 -3.48 -6.26 -3.04
CA LEU A 178 -2.41 -7.20 -2.70
C LEU A 178 -2.12 -8.19 -3.82
N GLY A 179 -2.58 -7.83 -5.01
CA GLY A 179 -2.40 -8.68 -6.17
C GLY A 179 -0.99 -9.08 -6.55
N LEU A 180 -0.02 -8.19 -6.30
CA LEU A 180 1.37 -8.44 -6.65
C LEU A 180 2.22 -8.89 -5.46
N ALA A 181 1.57 -9.15 -4.34
CA ALA A 181 2.29 -9.57 -3.15
C ALA A 181 3.03 -10.89 -3.33
N VAL A 182 3.99 -11.13 -2.43
CA VAL A 182 4.81 -12.35 -2.42
C VAL A 182 4.87 -12.91 -0.99
N ARG A 183 4.64 -14.21 -0.87
CA ARG A 183 4.61 -14.91 0.42
C ARG A 183 5.86 -15.74 0.66
N HIS A 184 6.44 -15.58 1.85
CA HIS A 184 7.67 -16.28 2.21
C HIS A 184 7.41 -17.57 2.96
N ASP A 185 7.93 -18.67 2.43
CA ASP A 185 7.77 -19.98 3.05
C ASP A 185 8.94 -20.28 3.95
N SER A 186 8.84 -19.85 5.20
CA SER A 186 9.89 -20.03 6.19
C SER A 186 10.29 -21.50 6.31
N ALA A 187 9.31 -22.40 6.32
CA ALA A 187 9.62 -23.83 6.44
C ALA A 187 10.74 -24.17 5.47
N THR A 188 10.60 -23.75 4.21
CA THR A 188 11.64 -24.02 3.20
C THR A 188 12.42 -22.78 2.76
N ASP A 189 12.25 -21.67 3.46
CA ASP A 189 12.93 -20.42 3.09
C ASP A 189 12.81 -20.12 1.60
N THR A 190 11.70 -20.53 1.00
CA THR A 190 11.47 -20.26 -0.40
C THR A 190 10.42 -19.15 -0.50
N ILE A 191 10.14 -18.72 -1.72
CA ILE A 191 9.16 -17.69 -1.95
C ILE A 191 8.10 -18.16 -2.94
N ASP A 192 6.87 -18.12 -2.48
CA ASP A 192 5.73 -18.48 -3.30
C ASP A 192 5.56 -17.28 -4.26
N ILE A 193 6.18 -17.40 -5.43
CA ILE A 193 6.15 -16.38 -6.50
C ILE A 193 4.71 -16.12 -6.92
N ALA A 194 4.47 -14.95 -7.51
CA ALA A 194 3.15 -14.54 -8.02
C ALA A 194 3.14 -14.82 -9.53
N PRO A 195 2.04 -15.39 -10.07
CA PRO A 195 1.86 -15.72 -11.49
C PRO A 195 1.25 -14.56 -12.29
N ASN A 196 2.11 -13.69 -12.83
CA ASN A 196 1.64 -12.53 -13.58
C ASN A 196 2.72 -12.02 -14.55
N HIS A 197 2.38 -11.00 -15.35
CA HIS A 197 3.29 -10.42 -16.33
C HIS A 197 3.40 -8.91 -16.18
N ARG A 198 3.66 -8.44 -14.98
CA ARG A 198 3.78 -7.00 -14.75
C ARG A 198 4.23 -6.79 -13.30
N VAL A 199 5.31 -6.04 -13.14
CA VAL A 199 5.87 -5.75 -11.82
C VAL A 199 5.11 -4.58 -11.20
N GLY A 200 5.77 -3.73 -10.41
CA GLY A 200 5.04 -2.65 -9.78
C GLY A 200 5.10 -1.28 -10.45
N THR A 201 4.67 -0.27 -9.71
CA THR A 201 4.67 1.11 -10.18
C THR A 201 6.12 1.60 -10.08
N LYS A 202 6.67 2.07 -11.19
CA LYS A 202 8.05 2.51 -11.27
C LYS A 202 8.44 3.69 -10.42
N ARG A 203 7.47 4.58 -10.18
CA ARG A 203 7.70 5.77 -9.37
C ARG A 203 8.03 5.42 -7.91
N TYR A 204 7.53 4.28 -7.43
CA TYR A 204 7.80 3.92 -6.04
C TYR A 204 8.85 2.82 -5.86
N MET A 205 9.39 2.32 -6.96
CA MET A 205 10.41 1.27 -6.91
C MET A 205 11.67 1.73 -6.15
N ALA A 206 12.08 0.93 -5.16
CA ALA A 206 13.27 1.24 -4.38
C ALA A 206 14.49 1.19 -5.29
N PRO A 207 15.61 1.77 -4.85
CA PRO A 207 16.85 1.82 -5.61
C PRO A 207 17.32 0.46 -6.13
N GLU A 208 17.44 -0.51 -5.23
CA GLU A 208 17.91 -1.84 -5.62
C GLU A 208 17.01 -2.49 -6.67
N VAL A 209 15.78 -2.01 -6.78
CA VAL A 209 14.84 -2.56 -7.76
C VAL A 209 15.03 -1.81 -9.07
N LEU A 210 15.29 -0.50 -8.99
CA LEU A 210 15.51 0.28 -10.21
C LEU A 210 16.81 -0.07 -10.93
N ASP A 211 17.85 -0.38 -10.18
CA ASP A 211 19.12 -0.77 -10.81
C ASP A 211 19.23 -2.27 -10.95
N ASP A 212 18.17 -2.99 -10.60
CA ASP A 212 18.16 -4.44 -10.72
C ASP A 212 19.30 -5.14 -9.98
N SER A 213 19.64 -4.65 -8.78
CA SER A 213 20.68 -5.25 -7.97
C SER A 213 20.03 -6.04 -6.82
N ILE A 214 18.73 -5.86 -6.64
CA ILE A 214 18.03 -6.56 -5.58
C ILE A 214 18.18 -8.08 -5.73
N ASN A 215 18.34 -8.79 -4.61
CA ASN A 215 18.45 -10.24 -4.63
C ASN A 215 17.03 -10.74 -4.36
N MET A 216 16.25 -10.83 -5.43
CA MET A 216 14.87 -11.27 -5.34
C MET A 216 14.68 -12.68 -4.80
N LYS A 217 15.77 -13.29 -4.33
CA LYS A 217 15.72 -14.64 -3.79
C LYS A 217 15.71 -14.63 -2.24
N HIS A 218 16.01 -13.45 -1.68
CA HIS A 218 15.99 -13.25 -0.23
C HIS A 218 14.77 -12.41 0.10
N PHE A 219 13.87 -12.98 0.89
CA PHE A 219 12.63 -12.31 1.25
C PHE A 219 12.79 -10.96 1.93
N GLU A 220 13.80 -10.81 2.78
CA GLU A 220 14.01 -9.52 3.47
C GLU A 220 14.08 -8.36 2.50
N SER A 221 14.65 -8.59 1.32
CA SER A 221 14.79 -7.53 0.33
C SER A 221 13.47 -6.93 -0.11
N PHE A 222 12.44 -7.78 -0.18
CA PHE A 222 11.09 -7.35 -0.56
C PHE A 222 10.50 -6.45 0.52
N LYS A 223 10.68 -6.84 1.77
CA LYS A 223 10.18 -6.04 2.87
C LYS A 223 10.95 -4.73 2.89
N ARG A 224 12.24 -4.78 2.60
CA ARG A 224 13.04 -3.55 2.61
C ARG A 224 12.58 -2.61 1.51
N ALA A 225 12.15 -3.17 0.40
CA ALA A 225 11.69 -2.36 -0.73
C ALA A 225 10.34 -1.77 -0.39
N ASP A 226 9.54 -2.55 0.33
CA ASP A 226 8.22 -2.13 0.77
C ASP A 226 8.35 -0.85 1.61
N ILE A 227 9.36 -0.88 2.48
CA ILE A 227 9.69 0.21 3.40
C ILE A 227 10.05 1.52 2.70
N TYR A 228 10.93 1.44 1.71
CA TYR A 228 11.32 2.63 0.97
C TYR A 228 10.07 3.27 0.39
N ALA A 229 9.18 2.44 -0.13
CA ALA A 229 7.94 2.91 -0.73
C ALA A 229 7.02 3.58 0.28
N MET A 230 6.99 3.05 1.50
CA MET A 230 6.13 3.63 2.52
C MET A 230 6.61 5.02 2.96
N GLY A 231 7.92 5.22 2.91
CA GLY A 231 8.47 6.51 3.29
C GLY A 231 7.96 7.58 2.33
N LEU A 232 7.86 7.22 1.06
CA LEU A 232 7.38 8.15 0.03
C LEU A 232 5.94 8.56 0.36
N VAL A 233 5.14 7.57 0.74
CA VAL A 233 3.73 7.76 1.11
C VAL A 233 3.59 8.66 2.35
N PHE A 234 4.57 8.58 3.24
CA PHE A 234 4.57 9.40 4.45
C PHE A 234 4.84 10.85 4.01
N TRP A 235 5.71 10.97 3.03
CA TRP A 235 6.07 12.26 2.48
C TRP A 235 4.81 12.89 1.91
N GLU A 236 4.01 12.10 1.18
CA GLU A 236 2.78 12.61 0.59
C GLU A 236 1.81 13.08 1.67
N ILE A 237 1.72 12.31 2.75
CA ILE A 237 0.82 12.66 3.85
C ILE A 237 1.26 13.92 4.59
N ALA A 238 2.51 13.95 5.00
CA ALA A 238 3.05 15.10 5.72
C ALA A 238 2.94 16.43 4.98
N ARG A 239 3.04 16.40 3.66
CA ARG A 239 2.99 17.62 2.86
C ARG A 239 1.60 18.26 3.04
N ARG A 240 0.63 17.43 3.35
CA ARG A 240 -0.75 17.86 3.53
C ARG A 240 -1.17 18.18 4.97
N CYS A 241 -0.27 17.95 5.92
CA CYS A 241 -0.53 18.27 7.32
C CYS A 241 -0.58 19.81 7.38
N SER A 242 -1.75 20.36 7.67
CA SER A 242 -1.90 21.81 7.70
C SER A 242 -1.88 22.41 9.09
N ILE A 243 -0.87 23.25 9.34
CA ILE A 243 -0.73 23.89 10.63
C ILE A 243 -0.62 25.37 10.38
N GLY A 244 -1.28 26.16 11.21
CA GLY A 244 -1.21 27.59 11.05
C GLY A 244 -1.64 27.96 9.65
N GLY A 245 -2.36 27.04 9.02
CA GLY A 245 -2.83 27.26 7.67
C GLY A 245 -1.76 27.01 6.63
N ILE A 246 -0.59 26.54 7.06
CA ILE A 246 0.48 26.29 6.10
C ILE A 246 0.73 24.81 5.79
N HIS A 247 0.66 24.50 4.49
CA HIS A 247 0.85 23.16 4.00
C HIS A 247 1.21 23.29 2.51
N GLU A 248 1.58 22.19 1.89
CA GLU A 248 1.94 22.19 0.47
C GLU A 248 0.81 21.54 -0.31
N ASP A 249 0.75 21.79 -1.62
CA ASP A 249 -0.31 21.16 -2.40
C ASP A 249 0.00 19.66 -2.49
N TYR A 250 -0.97 18.87 -2.94
CA TYR A 250 -0.71 17.45 -3.07
C TYR A 250 0.21 17.26 -4.26
N GLN A 251 1.17 16.37 -4.11
CA GLN A 251 2.13 16.05 -5.16
C GLN A 251 2.62 14.61 -4.93
N LEU A 252 2.88 13.91 -6.03
CA LEU A 252 3.37 12.54 -5.94
C LEU A 252 4.87 12.60 -5.68
N PRO A 253 5.46 11.49 -5.22
CA PRO A 253 6.90 11.56 -4.99
C PRO A 253 7.59 11.80 -6.31
N TYR A 254 8.61 12.66 -6.31
CA TYR A 254 9.37 12.96 -7.51
C TYR A 254 8.66 13.77 -8.61
N TYR A 255 7.56 14.44 -8.27
CA TYR A 255 6.81 15.23 -9.25
C TYR A 255 7.69 16.30 -9.89
N ASP A 256 8.73 16.69 -9.15
CA ASP A 256 9.66 17.72 -9.53
C ASP A 256 10.89 17.21 -10.29
N LEU A 257 10.95 15.91 -10.55
CA LEU A 257 12.10 15.32 -11.20
C LEU A 257 11.80 14.34 -12.35
N VAL A 258 10.56 13.90 -12.47
CA VAL A 258 10.22 12.95 -13.52
C VAL A 258 8.84 13.18 -14.09
N PRO A 259 8.62 12.77 -15.35
CA PRO A 259 7.32 12.93 -16.02
C PRO A 259 6.30 11.99 -15.41
N SER A 260 5.05 12.08 -15.88
CA SER A 260 3.99 11.21 -15.40
C SER A 260 4.30 9.89 -16.04
N ASP A 261 3.87 8.82 -15.39
CA ASP A 261 4.11 7.50 -15.92
C ASP A 261 5.61 7.36 -16.25
N PRO A 262 6.47 7.61 -15.26
CA PRO A 262 7.93 7.52 -15.42
C PRO A 262 8.38 6.12 -15.86
N SER A 263 9.49 6.06 -16.60
CA SER A 263 10.05 4.79 -17.02
C SER A 263 11.14 4.42 -16.02
N VAL A 264 11.55 3.15 -16.02
CA VAL A 264 12.58 2.66 -15.12
C VAL A 264 13.84 3.50 -15.27
N GLU A 265 14.19 3.78 -16.53
CA GLU A 265 15.38 4.57 -16.84
C GLU A 265 15.31 5.96 -16.23
N GLU A 266 14.16 6.62 -16.36
CA GLU A 266 14.02 7.97 -15.82
C GLU A 266 14.08 8.02 -14.31
N MET A 267 13.58 6.97 -13.65
CA MET A 267 13.61 6.89 -12.19
C MET A 267 15.02 6.53 -11.71
N ARG A 268 15.63 5.57 -12.39
CA ARG A 268 16.96 5.12 -11.99
C ARG A 268 18.01 6.23 -12.02
N LYS A 269 17.92 7.12 -13.01
CA LYS A 269 18.87 8.21 -13.10
C LYS A 269 18.66 9.17 -11.92
N VAL A 270 17.40 9.39 -11.56
CA VAL A 270 17.07 10.28 -10.46
C VAL A 270 17.34 9.69 -9.09
N VAL A 271 16.85 8.47 -8.87
CA VAL A 271 17.02 7.83 -7.58
C VAL A 271 18.36 7.15 -7.35
N CYS A 272 18.91 6.54 -8.39
CA CYS A 272 20.17 5.81 -8.26
C CYS A 272 21.47 6.52 -8.60
N GLU A 273 21.45 7.33 -9.65
CA GLU A 273 22.63 8.04 -10.10
C GLU A 273 22.76 9.37 -9.42
N GLN A 274 21.70 10.17 -9.46
CA GLN A 274 21.76 11.47 -8.83
C GLN A 274 21.56 11.38 -7.31
N LYS A 275 21.12 10.20 -6.84
CA LYS A 275 20.90 9.96 -5.41
C LYS A 275 19.95 11.01 -4.83
N LEU A 276 18.86 11.29 -5.54
CA LEU A 276 17.91 12.28 -5.08
C LEU A 276 16.64 11.70 -4.48
N ARG A 277 16.22 12.25 -3.35
CA ARG A 277 14.99 11.81 -2.68
C ARG A 277 14.05 13.00 -2.61
N PRO A 278 12.76 12.76 -2.34
CA PRO A 278 11.78 13.84 -2.24
C PRO A 278 12.28 14.89 -1.25
N ASN A 279 11.94 16.15 -1.51
CA ASN A 279 12.39 17.23 -0.65
C ASN A 279 11.63 17.34 0.67
N ILE A 280 12.39 17.59 1.73
CA ILE A 280 11.86 17.73 3.08
C ILE A 280 11.95 19.19 3.52
N PRO A 281 10.81 19.90 3.50
CA PRO A 281 10.78 21.31 3.90
C PRO A 281 11.35 21.52 5.30
N ASN A 282 12.31 22.45 5.40
CA ASN A 282 12.99 22.80 6.66
C ASN A 282 12.01 23.18 7.76
N ARG A 283 10.79 23.50 7.36
CA ARG A 283 9.76 23.89 8.29
C ARG A 283 9.22 22.68 9.07
N TRP A 284 9.33 21.49 8.47
CA TRP A 284 8.87 20.27 9.12
C TRP A 284 9.64 19.99 10.41
N GLN A 285 10.49 20.93 10.80
CA GLN A 285 11.24 20.77 12.04
C GLN A 285 10.73 21.73 13.10
N SER A 286 9.73 22.53 12.75
CA SER A 286 9.11 23.49 13.68
C SER A 286 7.94 22.82 14.40
N CYS A 287 7.83 21.50 14.25
CA CYS A 287 6.75 20.70 14.83
C CYS A 287 7.27 19.30 15.13
N GLU A 288 7.12 18.89 16.37
CA GLU A 288 7.57 17.58 16.80
C GLU A 288 7.11 16.41 15.88
N ALA A 289 5.80 16.33 15.66
CA ALA A 289 5.25 15.25 14.84
C ALA A 289 5.81 15.21 13.43
N LEU A 290 6.06 16.38 12.85
CA LEU A 290 6.62 16.44 11.51
C LEU A 290 8.12 16.19 11.55
N ARG A 291 8.72 16.43 12.71
CA ARG A 291 10.16 16.22 12.88
C ARG A 291 10.42 14.70 12.92
N VAL A 292 9.50 13.99 13.56
CA VAL A 292 9.56 12.54 13.68
C VAL A 292 9.28 11.92 12.30
N MET A 293 8.15 12.26 11.71
CA MET A 293 7.80 11.76 10.38
C MET A 293 8.96 11.95 9.42
N ALA A 294 9.58 13.12 9.50
CA ALA A 294 10.70 13.46 8.63
C ALA A 294 11.87 12.55 8.89
N LYS A 295 12.06 12.18 10.15
CA LYS A 295 13.16 11.29 10.52
C LYS A 295 12.88 9.90 9.94
N ILE A 296 11.64 9.43 10.08
CA ILE A 296 11.27 8.12 9.56
C ILE A 296 11.48 8.09 8.06
N MET A 297 11.09 9.16 7.38
CA MET A 297 11.26 9.21 5.94
C MET A 297 12.70 8.94 5.49
N ARG A 298 13.64 9.74 6.01
CA ARG A 298 15.06 9.62 5.71
C ARG A 298 15.55 8.19 5.95
N GLU A 299 15.14 7.66 7.08
CA GLU A 299 15.51 6.34 7.51
C GLU A 299 14.82 5.22 6.71
N CYS A 300 14.00 5.59 5.73
CA CYS A 300 13.33 4.61 4.87
C CYS A 300 13.89 4.70 3.46
N TRP A 301 14.58 5.82 3.17
CA TRP A 301 15.12 6.12 1.85
C TRP A 301 16.60 5.81 1.59
N TYR A 302 17.25 5.15 2.56
CA TYR A 302 18.65 4.77 2.43
C TYR A 302 18.77 3.85 1.20
N ALA A 303 19.79 4.07 0.39
CA ALA A 303 20.00 3.26 -0.80
C ALA A 303 20.19 1.81 -0.37
N ASN A 304 20.75 1.66 0.82
CA ASN A 304 21.02 0.35 1.37
C ASN A 304 19.86 -0.10 2.24
N GLY A 305 19.06 -0.98 1.66
CA GLY A 305 17.89 -1.50 2.33
C GLY A 305 18.13 -2.06 3.72
N ALA A 306 19.30 -2.62 3.94
CA ALA A 306 19.65 -3.21 5.24
C ALA A 306 19.73 -2.15 6.34
N ALA A 307 19.90 -0.89 5.94
CA ALA A 307 19.97 0.19 6.90
C ALA A 307 18.60 0.84 7.17
N ARG A 308 17.59 0.48 6.39
CA ARG A 308 16.25 1.07 6.58
C ARG A 308 15.53 0.59 7.84
N LEU A 309 14.58 1.40 8.31
CA LEU A 309 13.81 1.02 9.47
C LEU A 309 12.86 -0.10 9.08
N THR A 310 12.44 -0.87 10.08
CA THR A 310 11.50 -1.96 9.84
C THR A 310 10.12 -1.38 10.06
N ALA A 311 9.10 -2.05 9.52
CA ALA A 311 7.74 -1.57 9.70
C ALA A 311 7.34 -1.64 11.19
N LEU A 312 7.77 -2.69 11.87
CA LEU A 312 7.45 -2.81 13.31
C LEU A 312 8.04 -1.61 14.06
N ARG A 313 9.29 -1.29 13.76
CA ARG A 313 9.97 -0.16 14.37
C ARG A 313 9.20 1.13 14.14
N ILE A 314 8.78 1.38 12.89
CA ILE A 314 8.05 2.59 12.61
C ILE A 314 6.74 2.67 13.39
N LYS A 315 6.08 1.53 13.52
CA LYS A 315 4.81 1.45 14.25
C LYS A 315 5.04 1.85 15.70
N LYS A 316 6.17 1.41 16.25
CA LYS A 316 6.49 1.71 17.65
C LYS A 316 6.71 3.20 17.89
N THR A 317 7.59 3.81 17.11
CA THR A 317 7.88 5.22 17.27
C THR A 317 6.62 6.05 16.99
N LEU A 318 5.86 5.67 15.98
CA LEU A 318 4.62 6.39 15.64
C LEU A 318 3.56 6.16 16.71
N SER A 319 3.61 4.99 17.36
CA SER A 319 2.66 4.66 18.40
C SER A 319 3.01 5.58 19.59
N GLN A 320 4.29 5.62 19.95
CA GLN A 320 4.76 6.43 21.05
C GLN A 320 4.41 7.91 20.84
N LEU A 321 4.50 8.36 19.58
CA LEU A 321 4.18 9.74 19.25
C LEU A 321 2.67 9.95 19.29
N SER A 322 1.93 8.85 19.12
CA SER A 322 0.48 8.90 19.13
C SER A 322 -0.07 9.16 20.53
N GLN A 323 0.36 8.35 21.50
CA GLN A 323 -0.09 8.50 22.88
C GLN A 323 0.22 9.91 23.38
N GLN A 324 1.42 10.41 23.06
CA GLN A 324 1.85 11.75 23.45
C GLN A 324 0.92 12.84 22.98
N GLU A 325 0.38 12.64 21.77
CA GLU A 325 -0.52 13.60 21.16
C GLU A 325 -1.98 13.41 21.59
N GLY A 326 -2.32 12.20 22.01
CA GLY A 326 -3.68 11.90 22.43
C GLY A 326 -4.20 10.69 21.67
#